data_7QB8
#
_entry.id   7QB8
#
_cell.length_a   102.611
_cell.length_b   102.611
_cell.length_c   49.758
_cell.angle_alpha   90.000
_cell.angle_beta   90.000
_cell.angle_gamma   90.000
#
_symmetry.space_group_name_H-M   'P 42 21 2'
#
loop_
_entity.id
_entity.type
_entity.pdbx_description
1 polymer 'Cyclodipeptide synthase'
2 water water
#
_entity_poly.entity_id   1
_entity_poly.type   'polypeptide(L)'
_entity_poly.pdbx_seq_one_letter_code
;MELHQIRGCHKNDIELKKYNIGVAISLGNKWFSIDNIEKLVKWSLLHTKEYVIIYIADSIHGINLSVRNKLSDSHAEEVA
IRYGRNLFIKIKERVSLSFSQDEQAKIIYATWSDIADSKYKEKVKYLYNLYDKNINFKNYIENFVKEWVSKEKRTFNNNE
INKFGRYILEELPELMVQVKARGVLFEAYVYPYKTRITEFVGLLQKGEIFPEIKTNILDNHPKIFLEVRE
;
_entity_poly.pdbx_strand_id   A
#
# COMPACT_ATOMS: atom_id res chain seq x y z
N MET A 1 -9.32 -12.65 13.51
CA MET A 1 -8.48 -12.18 12.42
C MET A 1 -7.88 -13.37 11.68
N GLU A 2 -8.31 -13.58 10.44
CA GLU A 2 -7.85 -14.73 9.68
C GLU A 2 -7.80 -14.40 8.18
N LEU A 3 -7.02 -15.19 7.47
CA LEU A 3 -6.83 -15.07 6.04
C LEU A 3 -8.11 -15.43 5.31
N HIS A 4 -8.66 -14.54 4.51
CA HIS A 4 -9.96 -14.83 3.87
C HIS A 4 -9.74 -15.18 2.42
N GLN A 5 -8.69 -14.66 1.79
CA GLN A 5 -8.53 -14.84 0.36
C GLN A 5 -7.17 -14.31 -0.08
N ILE A 6 -6.58 -14.83 -1.14
CA ILE A 6 -5.16 -14.71 -1.46
C ILE A 6 -5.00 -14.48 -2.95
N ARG A 7 -4.23 -13.45 -3.34
CA ARG A 7 -3.87 -13.25 -4.73
CA ARG A 7 -3.88 -13.18 -4.73
C ARG A 7 -2.37 -13.18 -4.86
N GLY A 8 -1.81 -14.03 -5.73
CA GLY A 8 -0.39 -14.05 -6.02
C GLY A 8 0.37 -15.28 -5.54
N CYS A 9 -0.24 -16.13 -4.70
CA CYS A 9 0.40 -17.36 -4.25
C CYS A 9 -0.69 -18.34 -3.85
N HIS A 10 -0.27 -19.48 -3.34
CA HIS A 10 -1.23 -20.50 -2.86
C HIS A 10 -1.26 -20.45 -1.34
N LYS A 11 -2.30 -20.99 -0.73
CA LYS A 11 -2.46 -20.92 0.74
C LYS A 11 -1.28 -21.54 1.44
N ASN A 12 -0.70 -22.56 0.84
CA ASN A 12 0.40 -23.26 1.52
C ASN A 12 1.61 -22.36 1.58
N ASP A 13 1.83 -21.57 0.56
CA ASP A 13 2.98 -20.68 0.60
C ASP A 13 2.97 -19.83 1.84
N ILE A 14 1.79 -19.52 2.37
CA ILE A 14 1.68 -18.64 3.52
C ILE A 14 2.02 -19.38 4.82
N GLU A 15 1.42 -20.56 4.92
CA GLU A 15 1.63 -21.41 6.11
C GLU A 15 3.07 -21.89 6.13
N LEU A 16 3.71 -22.04 4.98
CA LEU A 16 5.14 -22.34 5.01
C LEU A 16 5.90 -21.07 5.35
N LYS A 17 5.19 -19.97 5.53
CA LYS A 17 5.81 -18.72 5.94
C LYS A 17 6.93 -18.32 4.97
N LYS A 18 6.59 -18.29 3.67
CA LYS A 18 7.58 -18.05 2.63
C LYS A 18 8.03 -16.59 2.56
N TYR A 19 7.17 -15.64 2.97
CA TYR A 19 7.33 -14.23 2.63
C TYR A 19 7.38 -13.35 3.87
N ASN A 20 8.11 -12.23 3.75
CA ASN A 20 7.91 -11.12 4.67
C ASN A 20 6.61 -10.41 4.31
N ILE A 21 6.01 -9.78 5.31
CA ILE A 21 4.65 -9.28 5.20
C ILE A 21 4.61 -7.80 5.58
N GLY A 22 4.05 -6.98 4.71
CA GLY A 22 3.78 -5.58 5.03
C GLY A 22 2.36 -5.41 5.56
N VAL A 23 2.20 -4.48 6.51
CA VAL A 23 0.88 -4.06 6.98
C VAL A 23 0.59 -2.70 6.36
N ALA A 24 -0.35 -2.65 5.43
CA ALA A 24 -0.57 -1.48 4.57
C ALA A 24 -1.69 -0.65 5.18
N ILE A 25 -1.32 0.46 5.83
CA ILE A 25 -2.31 1.23 6.59
C ILE A 25 -2.89 2.31 5.68
N SER A 26 -4.21 2.42 5.67
CA SER A 26 -4.91 3.50 4.96
C SER A 26 -5.21 4.56 6.02
N LEU A 27 -4.39 5.61 6.08
CA LEU A 27 -4.51 6.57 7.16
C LEU A 27 -5.81 7.37 6.98
N GLY A 28 -6.55 7.53 8.07
CA GLY A 28 -7.84 8.19 8.00
C GLY A 28 -8.97 7.29 7.58
N ASN A 29 -8.70 6.06 7.18
CA ASN A 29 -9.75 5.07 6.91
C ASN A 29 -10.22 4.54 8.25
N LYS A 30 -11.52 4.66 8.53
CA LYS A 30 -11.98 4.38 9.89
C LYS A 30 -11.80 2.93 10.31
N TRP A 31 -11.52 2.00 9.39
CA TRP A 31 -11.23 0.63 9.83
C TRP A 31 -9.90 0.56 10.55
N PHE A 32 -8.98 1.48 10.26
CA PHE A 32 -7.61 1.36 10.78
C PHE A 32 -7.47 2.03 12.14
N SER A 33 -8.33 1.58 13.07
CA SER A 33 -8.12 1.83 14.49
C SER A 33 -6.77 1.27 14.91
N ILE A 34 -6.24 1.80 16.03
CA ILE A 34 -5.03 1.21 16.61
C ILE A 34 -5.27 -0.24 16.97
N ASP A 35 -6.48 -0.56 17.45
CA ASP A 35 -6.83 -1.94 17.76
C ASP A 35 -6.73 -2.83 16.54
N ASN A 36 -7.28 -2.39 15.40
CA ASN A 36 -7.27 -3.22 14.20
C ASN A 36 -5.87 -3.29 13.60
N ILE A 37 -5.12 -2.19 13.66
CA ILE A 37 -3.71 -2.24 13.26
C ILE A 37 -2.95 -3.23 14.12
N GLU A 38 -3.19 -3.23 15.43
CA GLU A 38 -2.44 -4.16 16.28
C GLU A 38 -2.79 -5.59 15.94
N LYS A 39 -4.05 -5.84 15.54
CA LYS A 39 -4.41 -7.22 15.23
C LYS A 39 -3.83 -7.66 13.89
N LEU A 40 -3.72 -6.73 12.93
CA LEU A 40 -3.02 -7.08 11.70
C LEU A 40 -1.54 -7.33 11.97
N VAL A 41 -0.94 -6.57 12.88
CA VAL A 41 0.47 -6.79 13.19
C VAL A 41 0.67 -8.11 13.90
N LYS A 42 -0.23 -8.44 14.83
CA LYS A 42 -0.19 -9.74 15.49
C LYS A 42 -0.26 -10.88 14.47
N TRP A 43 -1.25 -10.82 13.57
CA TRP A 43 -1.40 -11.85 12.53
C TRP A 43 -0.17 -11.95 11.65
N SER A 44 0.36 -10.80 11.22
CA SER A 44 1.52 -10.81 10.33
C SER A 44 2.75 -11.33 11.04
N LEU A 45 2.88 -11.06 12.33
CA LEU A 45 4.03 -11.58 13.06
C LEU A 45 3.99 -13.10 13.15
N LEU A 46 2.80 -13.69 13.21
CA LEU A 46 2.68 -15.14 13.31
C LEU A 46 2.71 -15.85 11.96
N HIS A 47 2.65 -15.13 10.85
CA HIS A 47 2.71 -15.74 9.54
C HIS A 47 3.93 -15.33 8.74
N THR A 48 4.73 -14.41 9.24
CA THR A 48 5.80 -13.87 8.42
C THR A 48 6.98 -14.82 8.37
N LYS A 49 7.70 -14.77 7.25
CA LYS A 49 8.97 -15.47 7.16
C LYS A 49 9.96 -14.93 8.17
N GLU A 50 9.95 -13.61 8.40
CA GLU A 50 10.88 -13.05 9.37
C GLU A 50 10.39 -11.71 9.88
N TYR A 51 10.10 -10.79 8.96
CA TYR A 51 9.84 -9.40 9.31
C TYR A 51 8.41 -9.00 9.03
N VAL A 52 7.95 -8.01 9.79
CA VAL A 52 6.70 -7.30 9.52
C VAL A 52 7.04 -5.84 9.26
N ILE A 53 6.58 -5.31 8.13
CA ILE A 53 6.90 -3.94 7.73
C ILE A 53 5.61 -3.14 7.80
N ILE A 54 5.59 -2.11 8.65
CA ILE A 54 4.40 -1.28 8.82
C ILE A 54 4.62 -0.01 8.01
N TYR A 55 3.64 0.35 7.17
CA TYR A 55 3.79 1.54 6.36
C TYR A 55 2.42 2.11 6.05
N ILE A 56 2.43 3.31 5.49
CA ILE A 56 1.21 4.01 5.08
C ILE A 56 1.01 3.75 3.60
N ALA A 57 -0.09 3.08 3.26
CA ALA A 57 -0.30 2.68 1.88
C ALA A 57 -1.05 3.72 1.05
N ASP A 58 -1.94 4.49 1.67
CA ASP A 58 -2.68 5.53 0.96
C ASP A 58 -3.18 6.55 1.97
N SER A 59 -3.79 7.62 1.46
CA SER A 59 -4.12 8.81 2.25
C SER A 59 -5.56 9.29 2.07
N ILE A 60 -6.42 8.54 1.41
CA ILE A 60 -7.78 9.00 1.16
C ILE A 60 -8.62 8.96 2.44
N LYS A 70 1.43 24.06 1.68
CA LYS A 70 1.98 22.81 1.16
C LYS A 70 3.46 22.69 1.49
N LEU A 71 3.83 21.66 2.25
CA LEU A 71 5.16 21.57 2.82
C LEU A 71 6.06 20.57 2.11
N SER A 72 5.57 19.92 1.05
CA SER A 72 6.36 19.01 0.26
C SER A 72 5.83 18.98 -1.16
N ASP A 73 6.73 18.66 -2.10
CA ASP A 73 6.30 18.43 -3.47
C ASP A 73 5.62 17.08 -3.63
N SER A 74 5.78 16.19 -2.67
CA SER A 74 5.16 14.87 -2.69
C SER A 74 3.99 14.85 -1.71
N HIS A 75 2.82 14.43 -2.18
CA HIS A 75 1.69 14.33 -1.26
C HIS A 75 1.92 13.25 -0.22
N ALA A 76 2.48 12.10 -0.62
CA ALA A 76 2.75 11.03 0.34
C ALA A 76 3.73 11.50 1.39
N GLU A 77 4.69 12.34 1.00
CA GLU A 77 5.65 12.85 1.98
C GLU A 77 4.95 13.79 2.95
N GLU A 78 4.07 14.66 2.43
CA GLU A 78 3.38 15.61 3.30
C GLU A 78 2.51 14.88 4.31
N VAL A 79 1.83 13.83 3.87
CA VAL A 79 1.05 12.99 4.78
C VAL A 79 1.96 12.32 5.80
N ALA A 80 3.14 11.86 5.37
CA ALA A 80 4.08 11.23 6.30
C ALA A 80 4.50 12.18 7.41
N ILE A 81 4.74 13.45 7.07
CA ILE A 81 5.26 14.33 8.12
C ILE A 81 4.13 14.96 8.93
N ARG A 82 2.97 15.19 8.32
CA ARG A 82 1.86 15.78 9.06
C ARG A 82 1.19 14.76 9.98
N TYR A 83 0.96 13.55 9.49
CA TYR A 83 0.14 12.61 10.25
C TYR A 83 0.79 11.24 10.44
N GLY A 84 1.61 10.81 9.49
CA GLY A 84 2.21 9.47 9.57
C GLY A 84 3.11 9.30 10.77
N ARG A 85 3.91 10.33 11.09
CA ARG A 85 4.81 10.21 12.22
C ARG A 85 4.04 10.01 13.52
N ASN A 86 2.99 10.79 13.74
CA ASN A 86 2.19 10.64 14.96
C ASN A 86 1.52 9.28 15.04
N LEU A 87 1.03 8.78 13.91
CA LEU A 87 0.45 7.44 13.90
C LEU A 87 1.49 6.40 14.32
N PHE A 88 2.68 6.48 13.74
CA PHE A 88 3.73 5.51 14.00
C PHE A 88 4.14 5.51 15.48
N ILE A 89 4.13 6.68 16.10
CA ILE A 89 4.47 6.77 17.51
C ILE A 89 3.41 6.07 18.37
N LYS A 90 2.14 6.25 18.02
CA LYS A 90 1.08 5.57 18.73
C LYS A 90 1.19 4.06 18.55
N ILE A 91 1.44 3.61 17.31
CA ILE A 91 1.55 2.18 17.04
C ILE A 91 2.69 1.57 17.85
N LYS A 92 3.85 2.25 17.87
CA LYS A 92 4.99 1.72 18.59
C LYS A 92 4.70 1.59 20.08
N GLU A 93 4.08 2.61 20.65
CA GLU A 93 3.71 2.54 22.05
C GLU A 93 2.81 1.34 22.33
N ARG A 94 1.75 1.19 21.53
CA ARG A 94 0.88 0.02 21.70
C ARG A 94 1.66 -1.27 21.57
N VAL A 95 2.57 -1.34 20.60
CA VAL A 95 3.33 -2.55 20.35
C VAL A 95 4.23 -2.88 21.52
N SER A 96 4.94 -1.87 22.06
CA SER A 96 5.85 -2.14 23.16
C SER A 96 5.12 -2.61 24.42
N LEU A 97 3.79 -2.42 24.48
CA LEU A 97 3.02 -2.89 25.62
C LEU A 97 2.36 -4.24 25.37
N SER A 98 2.22 -4.67 24.12
CA SER A 98 1.49 -5.88 23.78
C SER A 98 2.37 -7.01 23.30
N PHE A 99 3.59 -6.73 22.85
CA PHE A 99 4.45 -7.75 22.28
C PHE A 99 5.75 -7.84 23.06
N SER A 100 6.38 -8.99 22.96
CA SER A 100 7.65 -9.18 23.62
C SER A 100 8.76 -8.43 22.90
N GLN A 101 9.84 -8.19 23.64
CA GLN A 101 11.02 -7.55 23.10
C GLN A 101 11.51 -8.23 21.83
N ASP A 102 11.51 -9.56 21.80
CA ASP A 102 12.02 -10.24 20.62
C ASP A 102 11.03 -10.18 19.46
N GLU A 103 9.73 -10.11 19.75
CA GLU A 103 8.76 -9.84 18.69
C GLU A 103 8.92 -8.43 18.14
N GLN A 104 9.12 -7.45 19.03
CA GLN A 104 9.25 -6.06 18.58
C GLN A 104 10.42 -5.87 17.64
N ALA A 105 11.47 -6.69 17.78
CA ALA A 105 12.64 -6.57 16.91
C ALA A 105 12.35 -7.02 15.49
N LYS A 106 11.22 -7.68 15.26
CA LYS A 106 10.83 -8.12 13.94
C LYS A 106 10.08 -7.05 13.14
N ILE A 107 9.75 -5.92 13.77
CA ILE A 107 8.88 -4.92 13.16
C ILE A 107 9.72 -3.76 12.64
N ILE A 108 9.44 -3.33 11.41
CA ILE A 108 10.12 -2.21 10.78
C ILE A 108 9.07 -1.16 10.43
N TYR A 109 9.28 0.07 10.90
CA TYR A 109 8.35 1.17 10.66
C TYR A 109 8.84 1.96 9.46
N ALA A 110 8.20 1.78 8.30
CA ALA A 110 8.73 2.26 7.04
C ALA A 110 7.98 3.52 6.65
N THR A 111 8.65 4.67 6.78
CA THR A 111 8.16 5.94 6.25
C THR A 111 8.13 5.95 4.73
N TRP A 112 7.40 6.92 4.19
CA TRP A 112 7.41 7.11 2.74
C TRP A 112 8.83 7.23 2.22
N SER A 113 9.70 7.95 2.93
CA SER A 113 11.09 8.13 2.49
C SER A 113 11.82 6.79 2.46
N ASP A 114 11.51 5.90 3.40
CA ASP A 114 12.16 4.59 3.46
C ASP A 114 11.82 3.73 2.24
N ILE A 115 10.68 3.99 1.60
CA ILE A 115 10.24 3.20 0.46
C ILE A 115 10.55 3.90 -0.85
N ALA A 116 10.35 5.21 -0.90
CA ALA A 116 10.46 5.96 -2.15
C ALA A 116 11.92 6.29 -2.45
N ASP A 117 12.67 5.27 -2.83
CA ASP A 117 14.07 5.47 -3.20
C ASP A 117 14.18 5.85 -4.68
N SER A 118 15.41 5.92 -5.18
CA SER A 118 15.62 6.35 -6.56
C SER A 118 14.86 5.45 -7.53
N LYS A 119 14.96 4.12 -7.35
CA LYS A 119 14.29 3.21 -8.28
C LYS A 119 12.78 3.34 -8.20
N TYR A 120 12.24 3.47 -6.99
CA TYR A 120 10.79 3.64 -6.84
C TYR A 120 10.31 4.89 -7.59
N LYS A 121 11.03 6.00 -7.42
CA LYS A 121 10.60 7.27 -7.99
C LYS A 121 10.64 7.25 -9.51
N GLU A 122 11.54 6.49 -10.12
CA GLU A 122 11.51 6.30 -11.56
C GLU A 122 10.17 5.71 -12.01
N LYS A 123 9.62 4.78 -11.23
CA LYS A 123 8.34 4.18 -11.56
C LYS A 123 7.20 5.19 -11.45
N VAL A 124 7.18 5.95 -10.36
CA VAL A 124 6.19 7.01 -10.22
C VAL A 124 6.29 7.99 -11.39
N LYS A 125 7.51 8.37 -11.74
CA LYS A 125 7.69 9.33 -12.84
C LYS A 125 7.21 8.76 -14.16
N TYR A 126 7.42 7.46 -14.39
CA TYR A 126 6.81 6.85 -15.56
C TYR A 126 5.30 7.03 -15.53
N LEU A 127 4.68 6.79 -14.38
CA LEU A 127 3.23 6.90 -14.27
C LEU A 127 2.77 8.35 -14.44
N TYR A 128 3.51 9.32 -13.89
CA TYR A 128 3.14 10.73 -14.08
C TYR A 128 3.14 11.10 -15.55
N ASN A 129 4.18 10.69 -16.28
CA ASN A 129 4.26 11.01 -17.70
C ASN A 129 3.12 10.34 -18.46
N LEU A 130 2.78 9.11 -18.09
CA LEU A 130 1.66 8.44 -18.75
C LEU A 130 0.34 9.14 -18.45
N TYR A 131 0.17 9.61 -17.21
CA TYR A 131 -1.01 10.39 -16.83
C TYR A 131 -1.15 11.66 -17.65
N ASP A 132 -0.04 12.19 -18.16
CA ASP A 132 -0.03 13.44 -18.91
C ASP A 132 -0.12 13.25 -20.41
N LYS A 133 0.41 12.15 -20.92
CA LYS A 133 0.50 11.94 -22.37
C LYS A 133 -0.61 11.05 -22.92
N ASN A 134 -1.29 10.29 -22.07
CA ASN A 134 -2.25 9.26 -22.46
C ASN A 134 -3.59 9.61 -21.84
N ILE A 135 -4.53 10.10 -22.64
CA ILE A 135 -5.76 10.60 -22.05
C ILE A 135 -6.69 9.49 -21.61
N ASN A 136 -6.56 8.29 -22.19
CA ASN A 136 -7.31 7.14 -21.69
C ASN A 136 -6.86 6.77 -20.27
N PHE A 137 -5.56 6.76 -20.01
CA PHE A 137 -5.07 6.48 -18.66
C PHE A 137 -5.55 7.56 -17.69
N LYS A 138 -5.34 8.82 -18.05
CA LYS A 138 -5.81 9.95 -17.25
C LYS A 138 -7.28 9.80 -16.88
N ASN A 139 -8.12 9.60 -17.88
CA ASN A 139 -9.55 9.52 -17.62
C ASN A 139 -9.91 8.30 -16.77
N TYR A 140 -9.22 7.17 -16.97
CA TYR A 140 -9.46 6.02 -16.11
C TYR A 140 -9.09 6.31 -14.66
N ILE A 141 -7.95 6.95 -14.43
CA ILE A 141 -7.57 7.28 -13.07
C ILE A 141 -8.54 8.33 -12.49
N GLU A 142 -9.02 9.24 -13.33
CA GLU A 142 -9.87 10.33 -12.83
C GLU A 142 -11.27 9.83 -12.49
N ASN A 143 -11.91 9.11 -13.42
CA ASN A 143 -13.14 8.40 -13.10
C ASN A 143 -12.97 7.53 -11.86
N PHE A 144 -11.75 7.05 -11.62
CA PHE A 144 -11.47 6.24 -10.45
C PHE A 144 -11.66 7.02 -9.16
N VAL A 145 -11.11 8.23 -9.11
CA VAL A 145 -11.30 9.10 -7.94
C VAL A 145 -12.78 9.45 -7.77
N LYS A 146 -13.49 9.62 -8.88
CA LYS A 146 -14.86 10.12 -8.78
C LYS A 146 -15.77 9.10 -8.13
N GLU A 147 -15.56 7.81 -8.41
CA GLU A 147 -16.46 6.81 -7.84
C GLU A 147 -16.31 6.72 -6.33
N TRP A 148 -15.10 6.88 -5.82
CA TRP A 148 -14.93 6.85 -4.38
C TRP A 148 -15.52 8.11 -3.73
N VAL A 149 -15.36 9.27 -4.37
CA VAL A 149 -15.93 10.49 -3.81
C VAL A 149 -17.44 10.45 -3.85
N SER A 150 -18.00 9.80 -4.89
CA SER A 150 -19.45 9.64 -4.95
C SER A 150 -19.99 8.87 -3.76
N LYS A 151 -19.15 8.09 -3.08
CA LYS A 151 -19.55 7.44 -1.84
C LYS A 151 -19.43 8.37 -0.64
N GLU A 152 -18.88 9.56 -0.82
CA GLU A 152 -18.76 10.55 0.24
C GLU A 152 -19.81 11.64 0.07
N LYS A 153 -20.11 12.31 1.18
CA LYS A 153 -21.06 13.42 1.14
C LYS A 153 -20.40 14.68 0.58
N ARG A 154 -19.14 14.93 0.93
CA ARG A 154 -18.42 16.10 0.45
C ARG A 154 -18.22 16.04 -1.07
N THR A 155 -18.14 17.22 -1.70
CA THR A 155 -17.99 17.35 -3.14
C THR A 155 -16.63 17.92 -3.50
N PHE A 156 -16.16 17.59 -4.71
CA PHE A 156 -14.85 18.02 -5.19
C PHE A 156 -14.96 18.51 -6.63
N ASN A 157 -14.16 19.53 -6.95
CA ASN A 157 -14.12 20.03 -8.32
C ASN A 157 -13.20 19.17 -9.18
N ASN A 158 -13.28 19.38 -10.49
CA ASN A 158 -12.58 18.50 -11.41
C ASN A 158 -11.07 18.72 -11.39
N ASN A 159 -10.60 19.88 -10.92
CA ASN A 159 -9.17 20.04 -10.73
C ASN A 159 -8.69 19.31 -9.47
N GLU A 160 -9.50 19.30 -8.42
CA GLU A 160 -9.17 18.47 -7.25
C GLU A 160 -9.18 16.98 -7.62
N ILE A 161 -10.17 16.56 -8.40
CA ILE A 161 -10.23 15.17 -8.84
C ILE A 161 -8.92 14.79 -9.52
N ASN A 162 -8.47 15.64 -10.44
CA ASN A 162 -7.24 15.38 -11.18
C ASN A 162 -6.04 15.30 -10.25
N LYS A 163 -5.96 16.19 -9.25
CA LYS A 163 -4.84 16.17 -8.32
C LYS A 163 -4.87 14.91 -7.46
N PHE A 164 -6.06 14.46 -7.05
CA PHE A 164 -6.14 13.23 -6.27
C PHE A 164 -5.69 12.03 -7.09
N GLY A 165 -6.00 12.02 -8.40
CA GLY A 165 -5.53 10.94 -9.25
C GLY A 165 -4.02 10.82 -9.27
N ARG A 166 -3.33 11.95 -9.44
CA ARG A 166 -1.87 11.94 -9.36
C ARG A 166 -1.38 11.33 -8.06
N TYR A 167 -2.08 11.64 -6.96
CA TYR A 167 -1.67 11.10 -5.66
C TYR A 167 -1.73 9.58 -5.64
N ILE A 168 -2.72 9.01 -6.33
CA ILE A 168 -2.84 7.55 -6.42
C ILE A 168 -1.62 6.97 -7.11
N LEU A 169 -1.17 7.63 -8.17
CA LEU A 169 -0.02 7.13 -8.92
C LEU A 169 1.23 7.04 -8.06
N GLU A 170 1.35 7.91 -7.05
CA GLU A 170 2.52 7.84 -6.18
C GLU A 170 2.58 6.53 -5.40
N GLU A 171 1.45 5.96 -5.03
CA GLU A 171 1.41 4.73 -4.25
C GLU A 171 1.26 3.49 -5.12
N LEU A 172 0.89 3.65 -6.39
CA LEU A 172 0.61 2.49 -7.23
C LEU A 172 1.79 1.53 -7.34
N PRO A 173 3.04 1.96 -7.57
CA PRO A 173 4.12 0.97 -7.65
C PRO A 173 4.27 0.14 -6.41
N GLU A 174 4.00 0.72 -5.23
CA GLU A 174 4.15 -0.05 -3.99
C GLU A 174 3.14 -1.19 -3.92
N LEU A 175 1.94 -0.98 -4.46
CA LEU A 175 0.94 -2.04 -4.51
C LEU A 175 1.23 -3.06 -5.59
N MET A 176 1.95 -2.67 -6.63
CA MET A 176 2.12 -3.54 -7.79
C MET A 176 3.35 -4.41 -7.70
N VAL A 177 4.46 -3.86 -7.18
CA VAL A 177 5.76 -4.52 -7.26
C VAL A 177 6.28 -4.78 -5.85
N GLN A 178 7.20 -5.73 -5.75
CA GLN A 178 7.85 -6.01 -4.48
C GLN A 178 8.99 -5.02 -4.29
N VAL A 179 8.88 -4.17 -3.26
CA VAL A 179 9.87 -3.14 -2.96
C VAL A 179 10.43 -3.39 -1.57
N LYS A 180 11.55 -2.73 -1.30
CA LYS A 180 12.24 -2.87 -0.04
C LYS A 180 11.99 -1.63 0.82
N ALA A 181 11.92 -1.87 2.11
CA ALA A 181 11.86 -0.82 3.11
C ALA A 181 13.08 -0.96 4.00
N ARG A 182 13.94 0.06 4.00
CA ARG A 182 15.15 0.03 4.79
C ARG A 182 15.98 -1.22 4.47
N GLY A 183 15.97 -1.60 3.20
CA GLY A 183 16.78 -2.72 2.74
C GLY A 183 16.17 -4.10 2.84
N VAL A 184 14.88 -4.21 3.19
CA VAL A 184 14.24 -5.50 3.43
C VAL A 184 13.08 -5.69 2.46
N LEU A 185 13.14 -6.75 1.67
CA LEU A 185 12.08 -7.00 0.69
C LEU A 185 10.86 -7.56 1.41
N PHE A 186 9.69 -7.03 1.10
CA PHE A 186 8.45 -7.68 1.55
C PHE A 186 7.61 -8.01 0.33
N GLU A 187 7.43 -9.31 0.12
CA GLU A 187 6.74 -9.85 -1.05
C GLU A 187 5.23 -9.78 -0.92
N ALA A 188 4.71 -9.78 0.31
CA ALA A 188 3.27 -9.82 0.54
C ALA A 188 2.85 -8.63 1.40
N TYR A 189 1.59 -8.22 1.27
CA TYR A 189 1.01 -7.28 2.23
C TYR A 189 -0.39 -7.72 2.60
N VAL A 190 -0.82 -7.35 3.83
CA VAL A 190 -2.16 -7.66 4.32
C VAL A 190 -3.02 -6.40 4.24
N TYR A 191 -4.29 -6.60 3.94
CA TYR A 191 -5.27 -5.54 3.89
C TYR A 191 -6.62 -6.18 4.16
N PRO A 192 -7.54 -5.50 4.86
CA PRO A 192 -8.74 -6.19 5.35
C PRO A 192 -9.79 -6.50 4.30
N TYR A 193 -9.82 -5.80 3.18
CA TYR A 193 -10.86 -6.01 2.19
C TYR A 193 -10.29 -5.82 0.79
N LYS A 194 -10.86 -6.56 -0.16
CA LYS A 194 -10.64 -6.25 -1.56
C LYS A 194 -11.19 -4.86 -1.86
N THR A 195 -10.50 -4.10 -2.71
CA THR A 195 -11.00 -2.79 -3.11
C THR A 195 -10.87 -2.61 -4.61
N ARG A 196 -11.46 -1.53 -5.12
CA ARG A 196 -11.28 -1.21 -6.54
C ARG A 196 -9.81 -1.02 -6.88
N ILE A 197 -9.02 -0.51 -5.94
CA ILE A 197 -7.59 -0.38 -6.20
C ILE A 197 -6.91 -1.75 -6.26
N THR A 198 -7.25 -2.67 -5.34
CA THR A 198 -6.60 -3.99 -5.41
C THR A 198 -7.03 -4.76 -6.66
N GLU A 199 -8.28 -4.59 -7.12
CA GLU A 199 -8.69 -5.21 -8.38
C GLU A 199 -7.96 -4.60 -9.57
N PHE A 200 -7.81 -3.27 -9.58
CA PHE A 200 -7.06 -2.60 -10.65
C PHE A 200 -5.64 -3.11 -10.72
N VAL A 201 -4.96 -3.22 -9.57
CA VAL A 201 -3.60 -3.69 -9.54
C VAL A 201 -3.51 -5.13 -10.04
N GLY A 202 -4.48 -5.96 -9.66
CA GLY A 202 -4.53 -7.32 -10.21
C GLY A 202 -4.48 -7.33 -11.73
N LEU A 203 -5.34 -6.53 -12.36
CA LEU A 203 -5.31 -6.50 -13.82
C LEU A 203 -3.99 -5.94 -14.35
N LEU A 204 -3.47 -4.90 -13.69
CA LEU A 204 -2.20 -4.31 -14.13
C LEU A 204 -1.08 -5.34 -14.11
N GLN A 205 -1.03 -6.16 -13.05
CA GLN A 205 0.03 -7.15 -12.91
C GLN A 205 -0.07 -8.22 -13.98
N LYS A 206 -1.28 -8.52 -14.40
CA LYS A 206 -1.51 -9.53 -15.43
C LYS A 206 -1.43 -8.94 -16.83
N GLY A 207 -1.21 -7.63 -16.96
CA GLY A 207 -1.15 -7.00 -18.27
C GLY A 207 -2.49 -6.93 -18.96
N GLU A 208 -3.58 -7.06 -18.20
CA GLU A 208 -4.92 -7.07 -18.77
C GLU A 208 -5.52 -5.67 -18.80
N ILE A 209 -4.86 -4.70 -18.18
CA ILE A 209 -5.24 -3.29 -18.34
C ILE A 209 -3.95 -2.50 -18.44
N PHE A 210 -3.96 -1.47 -19.28
CA PHE A 210 -2.83 -0.60 -19.55
C PHE A 210 -1.53 -1.39 -19.61
N PRO A 211 -1.41 -2.33 -20.55
CA PRO A 211 -0.29 -3.28 -20.53
C PRO A 211 1.05 -2.60 -20.59
N GLU A 212 1.12 -1.34 -21.02
CA GLU A 212 2.40 -0.66 -21.10
C GLU A 212 2.99 -0.50 -19.71
N ILE A 213 2.14 -0.42 -18.70
CA ILE A 213 2.60 -0.24 -17.33
C ILE A 213 3.38 -1.46 -16.88
N LYS A 214 2.80 -2.65 -17.06
CA LYS A 214 3.52 -3.88 -16.75
C LYS A 214 4.85 -3.92 -17.49
N THR A 215 4.84 -3.54 -18.77
CA THR A 215 6.09 -3.60 -19.54
C THR A 215 7.14 -2.71 -18.92
N ASN A 216 6.74 -1.52 -18.46
CA ASN A 216 7.69 -0.49 -18.13
C ASN A 216 8.15 -0.50 -16.69
N ILE A 217 7.34 -0.95 -15.73
CA ILE A 217 7.70 -0.81 -14.32
C ILE A 217 7.53 -2.08 -13.51
N LEU A 218 7.01 -3.17 -14.07
CA LEU A 218 6.79 -4.39 -13.31
C LEU A 218 7.81 -5.46 -13.73
N ASP A 219 8.02 -6.45 -12.86
CA ASP A 219 9.27 -7.19 -12.93
C ASP A 219 9.13 -8.71 -12.83
N ASN A 220 7.93 -9.27 -13.03
CA ASN A 220 7.67 -10.70 -12.91
C ASN A 220 7.80 -11.20 -11.47
N HIS A 221 7.88 -10.31 -10.49
CA HIS A 221 7.74 -10.64 -9.08
C HIS A 221 6.66 -9.72 -8.52
N PRO A 222 5.38 -10.06 -8.73
CA PRO A 222 4.30 -9.18 -8.32
C PRO A 222 4.06 -9.24 -6.82
N LYS A 223 3.61 -8.10 -6.29
CA LYS A 223 3.20 -8.00 -4.90
C LYS A 223 2.02 -8.93 -4.61
N ILE A 224 2.19 -9.78 -3.59
CA ILE A 224 1.14 -10.70 -3.14
C ILE A 224 0.20 -9.96 -2.20
N PHE A 225 -1.10 -10.13 -2.41
CA PHE A 225 -2.12 -9.46 -1.62
C PHE A 225 -2.80 -10.51 -0.75
N LEU A 226 -2.87 -10.24 0.55
CA LEU A 226 -3.41 -11.16 1.55
C LEU A 226 -4.58 -10.47 2.22
N GLU A 227 -5.78 -11.04 2.09
CA GLU A 227 -6.97 -10.39 2.60
C GLU A 227 -7.23 -10.93 4.00
N VAL A 228 -7.02 -10.10 5.01
CA VAL A 228 -7.04 -10.55 6.41
C VAL A 228 -7.97 -9.65 7.21
N ARG A 229 -8.98 -10.24 7.84
CA ARG A 229 -9.98 -9.48 8.57
C ARG A 229 -10.55 -10.39 9.66
N GLU A 230 -11.42 -9.81 10.49
CA GLU A 230 -11.99 -10.58 11.60
C GLU A 230 -13.17 -11.45 11.17
#